data_7K2B
#
_entry.id   7K2B
#
_cell.length_a   161.720
_cell.length_b   68.755
_cell.length_c   77.617
_cell.angle_alpha   90.00
_cell.angle_beta   117.60
_cell.angle_gamma   90.00
#
_symmetry.space_group_name_H-M   'C 1 2 1'
#
loop_
_entity.id
_entity.type
_entity.pdbx_description
1 polymer 'Kelch-like ECH-associated protein 1'
2 polymer ACE-ALA-ASP-GLU-GLU-THR-GLY-GLU-PHE-ALA-NH2
3 water water
#
loop_
_entity_poly.entity_id
_entity_poly.type
_entity_poly.pdbx_seq_one_letter_code
_entity_poly.pdbx_strand_id
1 'polypeptide(L)'
;VGRLIYTAGGYFRQSLSYLEAYNPSDGTWLRLADLQVPRSGLAGCVVGGLLYAVGGRNNSPDGNTDSSALDCYNPMTNQW
SPCAPMSVPRNRIGVGVIDGHIYAVGGSHGCIHHNSVERYEPERDEWHLVAPMLTRRIGVGVAVLNRLLYAVGGFDGTNR
LNSAECYYPERNEWRMITAMNTIRSGAGVCVLHNCIYAAGGYDGQDQLNSVERYDVATATWTFVAPMKHRRSALGITVHQ
GRIYVLGGYDGHTFLDSVECYDPDTDTWSEVTRMTSGRSGVGVAVTMEPCRKQIDQQNCTC
;
A,B
2 'polypeptide(L)' (ACE)ADEETGEFA(NH2) P
#
loop_
_chem_comp.id
_chem_comp.type
_chem_comp.name
_chem_comp.formula
ACE non-polymer 'ACETYL GROUP' 'C2 H4 O'
NH2 non-polymer 'AMINO GROUP' 'H2 N'
#
# COMPACT_ATOMS: atom_id res chain seq x y z
N LEU A 4 -25.63 -24.96 -3.57
CA LEU A 4 -26.23 -23.62 -3.49
C LEU A 4 -25.32 -22.52 -2.96
N ILE A 5 -25.61 -21.28 -3.35
CA ILE A 5 -24.84 -20.12 -2.94
C ILE A 5 -25.63 -19.39 -1.87
N TYR A 6 -25.11 -19.37 -0.65
CA TYR A 6 -25.84 -18.80 0.46
C TYR A 6 -25.32 -17.40 0.73
N THR A 7 -26.23 -16.44 0.92
CA THR A 7 -25.83 -15.09 1.31
C THR A 7 -26.49 -14.77 2.63
N ALA A 8 -25.68 -14.34 3.60
CA ALA A 8 -26.16 -14.11 4.96
C ALA A 8 -25.95 -12.65 5.32
N GLY A 9 -26.97 -12.04 5.92
CA GLY A 9 -26.86 -10.67 6.41
C GLY A 9 -26.70 -9.63 5.30
N GLY A 10 -25.93 -8.60 5.60
CA GLY A 10 -25.69 -7.50 4.69
C GLY A 10 -26.28 -6.20 5.23
N TYR A 11 -26.23 -5.19 4.37
CA TYR A 11 -26.62 -3.85 4.75
C TYR A 11 -27.46 -3.18 3.66
N PHE A 12 -28.60 -2.66 4.10
CA PHE A 12 -29.40 -1.71 3.34
C PHE A 12 -30.16 -0.80 4.30
N ARG A 13 -29.57 0.35 4.69
CA ARG A 13 -30.04 1.35 5.68
C ARG A 13 -30.14 0.83 7.10
N GLN A 14 -30.02 -0.49 7.22
CA GLN A 14 -30.10 -1.23 8.45
C GLN A 14 -29.29 -2.49 8.15
N SER A 15 -28.66 -3.04 9.16
CA SER A 15 -28.19 -4.39 9.02
C SER A 15 -29.40 -5.28 8.73
N LEU A 16 -29.16 -6.37 8.03
CA LEU A 16 -30.19 -7.31 7.59
C LEU A 16 -29.94 -8.67 8.20
N SER A 17 -31.02 -9.45 8.33
CA SER A 17 -30.97 -10.80 8.88
C SER A 17 -31.14 -11.88 7.82
N TYR A 18 -31.25 -11.51 6.54
CA TYR A 18 -31.59 -12.50 5.51
C TYR A 18 -30.55 -13.60 5.42
N LEU A 19 -31.03 -14.82 5.27
CA LEU A 19 -30.26 -15.92 4.74
C LEU A 19 -31.01 -16.40 3.51
N GLU A 20 -30.40 -16.24 2.34
CA GLU A 20 -30.97 -16.69 1.07
C GLU A 20 -29.94 -17.53 0.31
N ALA A 21 -30.41 -18.49 -0.47
CA ALA A 21 -29.53 -19.41 -1.19
C ALA A 21 -29.93 -19.46 -2.66
N TYR A 22 -28.98 -19.15 -3.54
CA TYR A 22 -29.22 -19.05 -4.96
C TYR A 22 -28.88 -20.37 -5.65
N ASN A 23 -29.74 -20.81 -6.56
CA ASN A 23 -29.51 -22.03 -7.33
C ASN A 23 -29.05 -21.62 -8.71
N PRO A 24 -27.78 -21.82 -9.07
CA PRO A 24 -27.30 -21.29 -10.37
C PRO A 24 -27.90 -22.02 -11.55
N SER A 25 -28.48 -23.21 -11.32
CA SER A 25 -29.16 -23.95 -12.38
C SER A 25 -30.62 -23.53 -12.51
N ASP A 26 -31.35 -23.57 -11.38
CA ASP A 26 -32.76 -23.17 -11.27
C ASP A 26 -32.99 -21.70 -11.55
N GLY A 27 -32.03 -20.85 -11.18
CA GLY A 27 -32.24 -19.41 -11.09
C GLY A 27 -32.88 -18.94 -9.80
N THR A 28 -33.39 -19.85 -8.95
CA THR A 28 -34.23 -19.50 -7.81
C THR A 28 -33.40 -18.98 -6.63
N TRP A 29 -34.01 -18.10 -5.86
CA TRP A 29 -33.54 -17.73 -4.52
C TRP A 29 -34.43 -18.40 -3.49
N LEU A 30 -33.84 -19.13 -2.55
CA LEU A 30 -34.57 -19.80 -1.47
C LEU A 30 -34.44 -18.95 -0.21
N ARG A 31 -35.56 -18.64 0.45
CA ARG A 31 -35.54 -17.89 1.71
C ARG A 31 -35.47 -18.86 2.89
N LEU A 32 -34.47 -18.70 3.74
CA LEU A 32 -34.18 -19.64 4.83
C LEU A 32 -34.28 -18.94 6.20
N ALA A 33 -33.95 -19.67 7.27
CA ALA A 33 -34.09 -19.11 8.60
C ALA A 33 -33.25 -17.83 8.75
N ASP A 34 -33.87 -16.81 9.34
CA ASP A 34 -33.19 -15.54 9.59
C ASP A 34 -32.00 -15.76 10.53
N LEU A 35 -30.95 -14.96 10.31
CA LEU A 35 -29.94 -14.79 11.34
C LEU A 35 -30.60 -14.38 12.66
N GLN A 36 -30.03 -14.87 13.76
CA GLN A 36 -30.53 -14.48 15.08
C GLN A 36 -30.48 -12.97 15.25
N VAL A 37 -29.40 -12.34 14.79
CA VAL A 37 -29.15 -10.91 14.93
C VAL A 37 -28.86 -10.31 13.54
N PRO A 38 -29.47 -9.19 13.17
CA PRO A 38 -29.07 -8.52 11.93
C PRO A 38 -27.58 -8.18 11.93
N ARG A 39 -26.87 -8.52 10.85
CA ARG A 39 -25.44 -8.27 10.79
C ARG A 39 -25.04 -7.85 9.37
N SER A 40 -24.19 -6.83 9.30
CA SER A 40 -23.50 -6.43 8.07
C SER A 40 -21.99 -6.46 8.36
N GLY A 41 -21.19 -6.52 7.29
CA GLY A 41 -19.75 -6.55 7.44
C GLY A 41 -19.22 -7.85 7.99
N LEU A 42 -19.99 -8.92 7.87
CA LEU A 42 -19.63 -10.24 8.36
C LEU A 42 -18.99 -11.04 7.22
N ALA A 43 -18.47 -12.21 7.57
CA ALA A 43 -18.00 -13.19 6.59
C ALA A 43 -18.75 -14.50 6.76
N GLY A 44 -18.80 -15.25 5.67
CA GLY A 44 -19.34 -16.60 5.68
C GLY A 44 -18.25 -17.59 5.32
N CYS A 45 -18.44 -18.83 5.74
CA CYS A 45 -17.59 -19.94 5.33
C CYS A 45 -18.27 -21.24 5.74
N VAL A 46 -17.78 -22.34 5.19
CA VAL A 46 -18.38 -23.65 5.39
C VAL A 46 -17.31 -24.58 5.92
N VAL A 47 -17.60 -25.25 7.03
CA VAL A 47 -16.76 -26.33 7.53
C VAL A 47 -17.67 -27.51 7.81
N GLY A 48 -17.31 -28.67 7.28
CA GLY A 48 -18.09 -29.87 7.50
C GLY A 48 -19.53 -29.75 7.06
N GLY A 49 -19.77 -29.05 5.95
CA GLY A 49 -21.12 -28.83 5.45
C GLY A 49 -21.95 -27.82 6.24
N LEU A 50 -21.46 -27.32 7.37
CA LEU A 50 -22.20 -26.32 8.12
C LEU A 50 -21.78 -24.91 7.70
N LEU A 51 -22.73 -24.00 7.65
CA LEU A 51 -22.48 -22.62 7.21
C LEU A 51 -22.27 -21.73 8.43
N TYR A 52 -21.11 -21.07 8.50
CA TYR A 52 -20.78 -20.19 9.62
C TYR A 52 -20.89 -18.72 9.21
N ALA A 53 -21.49 -17.90 10.08
CA ALA A 53 -21.52 -16.45 9.90
C ALA A 53 -20.67 -15.82 11.01
N VAL A 54 -19.67 -15.04 10.63
CA VAL A 54 -18.61 -14.61 11.54
C VAL A 54 -18.56 -13.09 11.59
N GLY A 55 -18.64 -12.55 12.81
CA GLY A 55 -18.37 -11.17 13.06
C GLY A 55 -19.43 -10.24 12.47
N GLY A 56 -18.98 -9.06 12.06
CA GLY A 56 -19.88 -8.10 11.46
C GLY A 56 -20.32 -7.03 12.45
N ARG A 57 -21.51 -6.47 12.23
CA ARG A 57 -21.97 -5.34 13.01
C ARG A 57 -23.48 -5.25 12.89
N ASN A 58 -24.15 -4.97 14.01
CA ASN A 58 -25.60 -4.74 13.98
C ASN A 58 -25.85 -3.23 13.92
N ASN A 59 -26.18 -2.72 12.72
CA ASN A 59 -26.65 -1.34 12.52
C ASN A 59 -28.17 -1.34 12.55
N SER A 60 -28.73 -0.80 13.62
CA SER A 60 -30.18 -0.79 13.77
C SER A 60 -30.65 0.61 14.08
N PRO A 61 -31.94 0.91 13.83
CA PRO A 61 -32.48 2.22 14.22
C PRO A 61 -32.35 2.49 15.72
N ASP A 62 -32.11 1.47 16.54
CA ASP A 62 -32.02 1.69 17.98
C ASP A 62 -30.61 1.46 18.52
N GLY A 63 -29.62 1.24 17.64
CA GLY A 63 -28.33 0.81 18.15
C GLY A 63 -27.35 0.47 17.03
N ASN A 64 -26.07 0.44 17.41
CA ASN A 64 -24.96 0.30 16.49
C ASN A 64 -23.87 -0.42 17.28
N THR A 65 -23.81 -1.75 17.15
CA THR A 65 -22.84 -2.55 17.89
C THR A 65 -22.11 -3.49 16.96
N ASP A 66 -20.78 -3.46 17.03
CA ASP A 66 -19.99 -4.49 16.36
C ASP A 66 -20.25 -5.83 17.04
N SER A 67 -19.84 -6.90 16.36
CA SER A 67 -20.22 -8.26 16.75
C SER A 67 -18.98 -9.15 16.78
N SER A 68 -18.81 -9.87 17.90
CA SER A 68 -17.87 -10.97 17.99
C SER A 68 -18.50 -12.33 17.71
N ALA A 69 -19.78 -12.37 17.34
CA ALA A 69 -20.49 -13.63 17.34
C ALA A 69 -20.00 -14.54 16.23
N LEU A 70 -20.06 -15.83 16.51
CA LEU A 70 -19.93 -16.87 15.51
C LEU A 70 -21.22 -17.67 15.58
N ASP A 71 -21.87 -17.86 14.44
CA ASP A 71 -23.13 -18.60 14.41
C ASP A 71 -23.09 -19.61 13.29
N CYS A 72 -23.81 -20.72 13.50
CA CYS A 72 -23.70 -21.92 12.67
C CYS A 72 -25.06 -22.29 12.10
N TYR A 73 -25.15 -22.43 10.78
CA TYR A 73 -26.40 -22.80 10.11
C TYR A 73 -26.29 -24.21 9.53
N ASN A 74 -27.31 -25.03 9.79
CA ASN A 74 -27.35 -26.40 9.31
C ASN A 74 -28.41 -26.55 8.22
N PRO A 75 -28.03 -26.78 6.96
CA PRO A 75 -29.06 -26.95 5.93
C PRO A 75 -29.99 -28.14 6.18
N MET A 76 -29.53 -29.18 6.89
CA MET A 76 -30.43 -30.31 7.16
C MET A 76 -31.59 -29.89 8.05
N THR A 77 -31.33 -29.01 9.02
CA THR A 77 -32.38 -28.60 9.94
C THR A 77 -32.97 -27.23 9.58
N ASN A 78 -32.32 -26.48 8.71
CA ASN A 78 -32.67 -25.08 8.49
C ASN A 78 -32.74 -24.30 9.81
N GLN A 79 -31.74 -24.52 10.67
CA GLN A 79 -31.71 -23.80 11.93
C GLN A 79 -30.32 -23.23 12.19
N TRP A 80 -30.30 -22.02 12.78
CA TRP A 80 -29.11 -21.41 13.32
C TRP A 80 -28.88 -21.86 14.76
N SER A 81 -27.60 -22.01 15.13
CA SER A 81 -27.16 -22.30 16.49
C SER A 81 -25.96 -21.38 16.77
N PRO A 82 -25.91 -20.74 17.94
CA PRO A 82 -24.73 -19.94 18.26
C PRO A 82 -23.53 -20.82 18.53
N CYS A 83 -22.35 -20.22 18.38
CA CYS A 83 -21.08 -20.87 18.68
C CYS A 83 -20.36 -19.99 19.70
N ALA A 84 -19.21 -20.45 20.19
CA ALA A 84 -18.42 -19.59 21.05
C ALA A 84 -17.97 -18.35 20.27
N PRO A 85 -18.02 -17.17 20.88
CA PRO A 85 -17.64 -15.95 20.16
C PRO A 85 -16.13 -15.71 20.15
N MET A 86 -15.72 -14.83 19.22
CA MET A 86 -14.33 -14.39 19.15
C MET A 86 -13.95 -13.61 20.39
N SER A 87 -12.65 -13.40 20.55
CA SER A 87 -12.16 -12.63 21.68
C SER A 87 -12.56 -11.17 21.56
N VAL A 88 -12.72 -10.66 20.33
CA VAL A 88 -13.11 -9.26 20.15
C VAL A 88 -14.15 -9.14 19.04
N PRO A 89 -15.00 -8.12 19.06
CA PRO A 89 -15.88 -7.87 17.90
C PRO A 89 -15.06 -7.51 16.68
N ARG A 90 -15.56 -7.91 15.50
CA ARG A 90 -14.80 -7.75 14.26
C ARG A 90 -15.77 -7.42 13.12
N ASN A 91 -15.97 -6.12 12.90
CA ASN A 91 -16.75 -5.63 11.76
C ASN A 91 -15.85 -5.53 10.54
N ARG A 92 -16.40 -5.89 9.37
CA ARG A 92 -15.65 -5.87 8.11
C ARG A 92 -14.44 -6.80 8.20
N ILE A 93 -14.75 -8.02 8.68
CA ILE A 93 -13.82 -9.11 8.92
C ILE A 93 -13.53 -9.84 7.62
N GLY A 94 -12.39 -10.52 7.58
CA GLY A 94 -12.13 -11.56 6.58
C GLY A 94 -11.91 -12.89 7.28
N VAL A 95 -12.30 -13.97 6.61
CA VAL A 95 -12.27 -15.31 7.18
C VAL A 95 -11.67 -16.27 6.15
N GLY A 96 -10.91 -17.24 6.64
CA GLY A 96 -10.46 -18.35 5.82
C GLY A 96 -10.50 -19.65 6.60
N VAL A 97 -10.46 -20.77 5.86
CA VAL A 97 -10.56 -22.10 6.47
C VAL A 97 -9.30 -22.90 6.14
N ILE A 98 -8.65 -23.43 7.17
CA ILE A 98 -7.48 -24.29 7.02
C ILE A 98 -7.65 -25.50 7.92
N ASP A 99 -7.61 -26.71 7.34
CA ASP A 99 -7.63 -27.95 8.12
C ASP A 99 -8.87 -28.01 9.02
N GLY A 100 -10.01 -27.57 8.51
CA GLY A 100 -11.23 -27.58 9.30
C GLY A 100 -11.29 -26.57 10.42
N HIS A 101 -10.38 -25.60 10.43
CA HIS A 101 -10.36 -24.52 11.42
C HIS A 101 -10.64 -23.19 10.73
N ILE A 102 -11.38 -22.32 11.41
CA ILE A 102 -11.78 -21.01 10.89
C ILE A 102 -10.83 -19.95 11.43
N TYR A 103 -10.21 -19.20 10.52
CA TYR A 103 -9.35 -18.09 10.88
C TYR A 103 -10.11 -16.78 10.71
N ALA A 104 -10.16 -15.98 11.77
CA ALA A 104 -10.83 -14.69 11.76
C ALA A 104 -9.77 -13.58 11.72
N VAL A 105 -9.83 -12.73 10.68
CA VAL A 105 -8.73 -11.85 10.34
C VAL A 105 -9.18 -10.39 10.37
N GLY A 106 -8.47 -9.57 11.14
CA GLY A 106 -8.63 -8.13 11.05
C GLY A 106 -9.99 -7.67 11.54
N GLY A 107 -10.52 -6.65 10.88
CA GLY A 107 -11.79 -6.09 11.25
C GLY A 107 -11.64 -4.88 12.18
N SER A 108 -12.76 -4.27 12.50
CA SER A 108 -12.73 -3.14 13.41
C SER A 108 -13.71 -3.35 14.55
N HIS A 109 -13.45 -2.61 15.61
CA HIS A 109 -14.32 -2.52 16.79
C HIS A 109 -14.25 -1.07 17.22
N GLY A 110 -15.28 -0.31 16.89
CA GLY A 110 -15.23 1.12 17.16
C GLY A 110 -14.10 1.74 16.39
N CYS A 111 -13.18 2.40 17.09
CA CYS A 111 -12.01 2.99 16.45
C CYS A 111 -10.79 2.07 16.48
N ILE A 112 -10.94 0.87 17.02
CA ILE A 112 -9.86 -0.12 16.99
C ILE A 112 -9.87 -0.78 15.63
N HIS A 113 -8.73 -0.74 14.93
CA HIS A 113 -8.47 -1.43 13.68
C HIS A 113 -7.57 -2.62 13.98
N HIS A 114 -8.09 -3.82 13.82
CA HIS A 114 -7.37 -5.00 14.31
C HIS A 114 -6.26 -5.40 13.37
N ASN A 115 -5.13 -5.81 13.95
CA ASN A 115 -4.22 -6.70 13.28
C ASN A 115 -4.29 -8.10 13.86
N SER A 116 -5.05 -8.30 14.93
CA SER A 116 -5.18 -9.61 15.55
C SER A 116 -5.87 -10.59 14.61
N VAL A 117 -5.56 -11.85 14.83
CA VAL A 117 -6.10 -12.98 14.08
C VAL A 117 -6.34 -14.07 15.10
N GLU A 118 -7.47 -14.77 14.96
CA GLU A 118 -7.71 -15.87 15.88
C GLU A 118 -8.28 -17.05 15.12
N ARG A 119 -8.14 -18.23 15.70
CA ARG A 119 -8.48 -19.50 15.07
C ARG A 119 -9.57 -20.20 15.87
N TYR A 120 -10.60 -20.69 15.16
CA TYR A 120 -11.73 -21.37 15.80
C TYR A 120 -11.67 -22.85 15.45
N GLU A 121 -11.90 -23.69 16.46
CA GLU A 121 -11.90 -25.14 16.27
C GLU A 121 -13.30 -25.69 16.50
N PRO A 122 -13.99 -26.10 15.44
CA PRO A 122 -15.40 -26.52 15.59
C PRO A 122 -15.62 -27.69 16.54
N GLU A 123 -14.69 -28.63 16.60
CA GLU A 123 -14.90 -29.85 17.38
C GLU A 123 -14.76 -29.60 18.89
N ARG A 124 -14.18 -28.47 19.31
CA ARG A 124 -14.13 -28.08 20.72
C ARG A 124 -14.85 -26.77 21.03
N ASP A 125 -15.44 -26.10 20.03
CA ASP A 125 -16.10 -24.81 20.20
C ASP A 125 -15.22 -23.83 21.01
N GLU A 126 -14.02 -23.60 20.49
CA GLU A 126 -13.04 -22.71 21.13
C GLU A 126 -12.36 -21.85 20.10
N TRP A 127 -12.13 -20.60 20.49
CA TRP A 127 -11.25 -19.69 19.78
C TRP A 127 -9.93 -19.56 20.52
N HIS A 128 -8.85 -19.42 19.76
CA HIS A 128 -7.53 -19.09 20.31
C HIS A 128 -6.86 -18.06 19.41
N LEU A 129 -6.22 -17.06 20.02
CA LEU A 129 -5.45 -16.07 19.27
C LEU A 129 -4.21 -16.70 18.63
N VAL A 130 -3.86 -16.22 17.44
CA VAL A 130 -2.62 -16.62 16.78
C VAL A 130 -1.80 -15.36 16.54
N ALA A 131 -0.68 -15.49 15.83
CA ALA A 131 0.16 -14.32 15.59
C ALA A 131 -0.63 -13.22 14.88
N PRO A 132 -0.48 -11.97 15.30
CA PRO A 132 -1.17 -10.88 14.60
C PRO A 132 -0.49 -10.58 13.27
N MET A 133 -1.27 -10.03 12.35
CA MET A 133 -0.76 -9.58 11.07
C MET A 133 0.27 -8.48 11.25
N LEU A 134 1.03 -8.25 10.19
CA LEU A 134 1.94 -7.12 10.17
C LEU A 134 1.20 -5.81 10.04
N THR A 135 -0.07 -5.85 9.64
CA THR A 135 -0.85 -4.68 9.31
C THR A 135 -2.22 -4.77 9.99
N ARG A 136 -2.73 -3.63 10.43
CA ARG A 136 -4.13 -3.53 10.80
C ARG A 136 -4.97 -3.44 9.52
N ARG A 137 -5.92 -4.35 9.35
CA ARG A 137 -6.67 -4.47 8.11
C ARG A 137 -8.14 -4.64 8.45
N ILE A 138 -8.96 -3.64 8.13
CA ILE A 138 -10.40 -3.80 8.12
C ILE A 138 -10.86 -3.75 6.67
N GLY A 139 -12.02 -4.35 6.42
CA GLY A 139 -12.43 -4.60 5.05
C GLY A 139 -11.38 -5.40 4.29
N VAL A 140 -10.78 -6.36 4.93
CA VAL A 140 -9.69 -7.14 4.39
C VAL A 140 -10.24 -8.36 3.67
N GLY A 141 -9.62 -8.74 2.56
CA GLY A 141 -10.00 -9.94 1.84
C GLY A 141 -9.05 -11.07 2.22
N VAL A 142 -9.64 -12.26 2.42
CA VAL A 142 -8.93 -13.41 2.94
C VAL A 142 -9.17 -14.59 2.01
N ALA A 143 -8.12 -15.37 1.79
CA ALA A 143 -8.11 -16.51 0.90
C ALA A 143 -7.08 -17.52 1.35
N VAL A 144 -7.33 -18.78 1.04
CA VAL A 144 -6.50 -19.89 1.48
C VAL A 144 -5.99 -20.64 0.26
N LEU A 145 -4.67 -20.77 0.17
CA LEU A 145 -4.03 -21.38 -0.98
C LEU A 145 -2.92 -22.28 -0.49
N ASN A 146 -2.99 -23.57 -0.81
CA ASN A 146 -1.99 -24.55 -0.37
C ASN A 146 -1.85 -24.52 1.15
N ARG A 147 -2.98 -24.36 1.83
CA ARG A 147 -3.06 -24.37 3.29
C ARG A 147 -2.30 -23.21 3.92
N LEU A 148 -2.09 -22.15 3.14
CA LEU A 148 -1.57 -20.90 3.64
C LEU A 148 -2.67 -19.86 3.59
N LEU A 149 -2.66 -18.95 4.56
CA LEU A 149 -3.72 -18.00 4.76
C LEU A 149 -3.25 -16.64 4.26
N TYR A 150 -3.98 -16.05 3.33
CA TYR A 150 -3.61 -14.76 2.73
C TYR A 150 -4.60 -13.69 3.14
N ALA A 151 -4.07 -12.57 3.61
CA ALA A 151 -4.85 -11.38 3.91
C ALA A 151 -4.47 -10.31 2.90
N VAL A 152 -5.46 -9.76 2.20
CA VAL A 152 -5.23 -8.97 1.00
C VAL A 152 -5.92 -7.61 1.13
N GLY A 153 -5.16 -6.53 0.96
CA GLY A 153 -5.85 -5.26 0.86
C GLY A 153 -6.34 -4.79 2.22
N GLY A 154 -7.37 -3.94 2.21
CA GLY A 154 -7.99 -3.45 3.43
C GLY A 154 -7.72 -1.99 3.70
N PHE A 155 -7.97 -1.58 4.96
CA PHE A 155 -7.93 -0.19 5.40
C PHE A 155 -7.37 -0.17 6.83
N ASP A 156 -6.29 0.59 7.07
CA ASP A 156 -5.64 0.51 8.38
C ASP A 156 -6.14 1.58 9.35
N GLY A 157 -7.16 2.34 8.97
CA GLY A 157 -7.60 3.49 9.72
C GLY A 157 -7.13 4.81 9.15
N THR A 158 -6.08 4.81 8.34
CA THR A 158 -5.54 6.05 7.78
C THR A 158 -5.36 5.91 6.27
N ASN A 159 -4.78 4.77 5.88
CA ASN A 159 -4.48 4.48 4.49
C ASN A 159 -5.19 3.21 4.05
N ARG A 160 -5.74 3.26 2.85
CA ARG A 160 -6.15 2.06 2.14
C ARG A 160 -4.94 1.33 1.56
N LEU A 161 -5.08 0.02 1.42
CA LEU A 161 -3.93 -0.85 1.24
C LEU A 161 -4.02 -1.61 -0.06
N ASN A 162 -2.88 -1.76 -0.73
CA ASN A 162 -2.71 -2.81 -1.73
C ASN A 162 -1.80 -3.93 -1.26
N SER A 163 -1.28 -3.84 -0.04
CA SER A 163 -0.36 -4.87 0.42
C SER A 163 -1.10 -6.17 0.72
N ALA A 164 -0.37 -7.27 0.62
CA ALA A 164 -0.87 -8.57 1.01
C ALA A 164 0.20 -9.25 1.85
N GLU A 165 -0.25 -10.10 2.78
CA GLU A 165 0.66 -10.87 3.61
C GLU A 165 0.10 -12.28 3.77
N CYS A 166 0.98 -13.20 4.14
CA CYS A 166 0.69 -14.61 4.10
C CYS A 166 1.06 -15.21 5.45
N TYR A 167 0.17 -16.03 5.99
CA TYR A 167 0.32 -16.62 7.32
C TYR A 167 0.66 -18.10 7.19
N TYR A 168 1.76 -18.52 7.82
CA TYR A 168 2.11 -19.93 7.83
C TYR A 168 1.62 -20.55 9.14
N PRO A 169 0.56 -21.35 9.11
CA PRO A 169 -0.06 -21.80 10.38
C PRO A 169 0.89 -22.48 11.34
N GLU A 170 1.70 -23.42 10.86
CA GLU A 170 2.51 -24.25 11.76
C GLU A 170 3.91 -23.66 11.93
N ARG A 171 4.10 -22.43 11.50
CA ARG A 171 5.19 -21.58 11.92
C ARG A 171 4.69 -20.41 12.75
N ASN A 172 3.40 -20.12 12.70
CA ASN A 172 2.74 -19.03 13.43
C ASN A 172 3.44 -17.70 13.21
N GLU A 173 3.60 -17.33 11.95
CA GLU A 173 4.11 -16.00 11.62
C GLU A 173 3.57 -15.56 10.27
N TRP A 174 3.52 -14.25 10.10
CA TRP A 174 3.04 -13.60 8.88
C TRP A 174 4.23 -13.10 8.08
N ARG A 175 4.10 -13.11 6.76
CA ARG A 175 5.18 -12.62 5.91
C ARG A 175 4.56 -11.84 4.77
N MET A 176 5.07 -10.64 4.53
CA MET A 176 4.59 -9.84 3.41
C MET A 176 4.88 -10.54 2.09
N ILE A 177 3.97 -10.37 1.14
CA ILE A 177 4.16 -10.88 -0.22
C ILE A 177 4.07 -9.70 -1.15
N THR A 178 4.09 -9.99 -2.46
CA THR A 178 3.99 -8.95 -3.47
C THR A 178 2.65 -8.24 -3.37
N ALA A 179 2.68 -6.91 -3.47
CA ALA A 179 1.44 -6.15 -3.35
C ALA A 179 0.63 -6.27 -4.63
N MET A 180 -0.66 -5.99 -4.51
CA MET A 180 -1.52 -5.94 -5.68
C MET A 180 -1.16 -4.70 -6.49
N ASN A 181 -1.53 -4.74 -7.77
CA ASN A 181 -1.44 -3.54 -8.59
C ASN A 181 -2.29 -2.40 -8.06
N THR A 182 -3.42 -2.70 -7.44
CA THR A 182 -4.44 -1.71 -7.11
C THR A 182 -4.75 -1.72 -5.62
N ILE A 183 -4.82 -0.53 -5.03
CA ILE A 183 -5.26 -0.40 -3.64
C ILE A 183 -6.73 -0.76 -3.54
N ARG A 184 -7.08 -1.63 -2.59
CA ARG A 184 -8.46 -2.12 -2.43
C ARG A 184 -8.80 -2.36 -0.96
N SER A 185 -9.85 -1.69 -0.47
CA SER A 185 -10.53 -2.08 0.76
C SER A 185 -11.94 -2.56 0.42
N GLY A 186 -12.41 -3.58 1.13
CA GLY A 186 -13.73 -4.11 0.84
C GLY A 186 -13.85 -4.78 -0.52
N ALA A 187 -12.76 -5.39 -1.00
CA ALA A 187 -12.79 -6.21 -2.20
C ALA A 187 -13.33 -7.61 -1.88
N GLY A 188 -13.70 -8.34 -2.96
CA GLY A 188 -13.99 -9.73 -2.85
C GLY A 188 -12.72 -10.50 -3.17
N VAL A 189 -12.34 -11.36 -2.26
CA VAL A 189 -11.11 -12.12 -2.42
C VAL A 189 -11.45 -13.60 -2.23
N CYS A 190 -11.04 -14.42 -3.19
CA CYS A 190 -11.30 -15.85 -3.14
C CYS A 190 -10.18 -16.57 -3.88
N VAL A 191 -10.22 -17.89 -3.82
CA VAL A 191 -9.31 -18.77 -4.54
C VAL A 191 -10.12 -19.49 -5.60
N LEU A 192 -9.61 -19.49 -6.84
CA LEU A 192 -10.18 -20.24 -7.94
C LEU A 192 -9.03 -21.00 -8.61
N HIS A 193 -9.23 -22.31 -8.82
CA HIS A 193 -8.19 -23.20 -9.30
C HIS A 193 -6.96 -23.09 -8.40
N ASN A 194 -5.94 -22.35 -8.84
CA ASN A 194 -4.75 -22.24 -8.00
C ASN A 194 -4.26 -20.80 -7.91
N CYS A 195 -5.18 -19.83 -7.97
CA CYS A 195 -4.84 -18.43 -7.88
C CYS A 195 -5.81 -17.72 -6.91
N ILE A 196 -5.30 -16.65 -6.29
CA ILE A 196 -6.09 -15.77 -5.45
C ILE A 196 -6.63 -14.68 -6.36
N TYR A 197 -7.93 -14.48 -6.33
CA TYR A 197 -8.55 -13.39 -7.06
C TYR A 197 -8.95 -12.31 -6.07
N ALA A 198 -8.68 -11.06 -6.44
CA ALA A 198 -9.10 -9.87 -5.72
C ALA A 198 -9.90 -9.05 -6.71
N ALA A 199 -11.16 -8.77 -6.36
CA ALA A 199 -12.09 -8.18 -7.30
C ALA A 199 -12.81 -7.02 -6.64
N GLY A 200 -12.83 -5.87 -7.33
CA GLY A 200 -13.56 -4.72 -6.85
C GLY A 200 -12.96 -4.14 -5.57
N GLY A 201 -13.82 -3.53 -4.76
CA GLY A 201 -13.41 -2.82 -3.57
C GLY A 201 -13.45 -1.32 -3.77
N TYR A 202 -12.73 -0.61 -2.89
CA TYR A 202 -12.70 0.85 -2.87
C TYR A 202 -11.27 1.29 -2.61
N ASP A 203 -10.78 2.30 -3.36
CA ASP A 203 -9.40 2.75 -3.24
C ASP A 203 -9.27 4.09 -2.51
N GLY A 204 -10.36 4.61 -1.94
CA GLY A 204 -10.37 5.93 -1.35
C GLY A 204 -10.85 7.03 -2.27
N GLN A 205 -11.00 6.75 -3.55
CA GLN A 205 -11.62 7.71 -4.46
C GLN A 205 -12.74 7.08 -5.27
N ASP A 206 -12.52 5.88 -5.80
CA ASP A 206 -13.51 5.22 -6.64
C ASP A 206 -13.80 3.82 -6.12
N GLN A 207 -15.03 3.37 -6.31
CA GLN A 207 -15.32 1.94 -6.29
C GLN A 207 -14.78 1.31 -7.57
N LEU A 208 -14.41 0.04 -7.49
CA LEU A 208 -13.59 -0.57 -8.53
C LEU A 208 -14.32 -1.72 -9.20
N ASN A 209 -14.14 -1.84 -10.53
CA ASN A 209 -14.60 -3.01 -11.26
C ASN A 209 -13.47 -3.92 -11.68
N SER A 210 -12.22 -3.53 -11.42
CA SER A 210 -11.09 -4.31 -11.89
C SER A 210 -10.89 -5.56 -11.03
N VAL A 211 -10.31 -6.58 -11.66
CA VAL A 211 -10.07 -7.87 -11.04
C VAL A 211 -8.65 -8.30 -11.34
N GLU A 212 -7.91 -8.68 -10.30
CA GLU A 212 -6.56 -9.19 -10.49
C GLU A 212 -6.38 -10.47 -9.70
N ARG A 213 -5.40 -11.27 -10.12
CA ARG A 213 -5.19 -12.59 -9.57
C ARG A 213 -3.72 -12.84 -9.29
N TYR A 214 -3.45 -13.43 -8.13
CA TYR A 214 -2.11 -13.75 -7.69
C TYR A 214 -1.75 -15.19 -8.04
N ASP A 215 -0.63 -15.37 -8.74
CA ASP A 215 -0.05 -16.70 -8.92
C ASP A 215 1.16 -16.87 -7.99
N VAL A 216 1.13 -17.89 -7.13
CA VAL A 216 2.21 -18.12 -6.18
C VAL A 216 3.50 -18.48 -6.90
N ALA A 217 3.42 -19.30 -7.95
CA ALA A 217 4.62 -19.75 -8.65
C ALA A 217 5.43 -18.59 -9.21
N THR A 218 4.76 -17.52 -9.68
CA THR A 218 5.45 -16.35 -10.19
C THR A 218 5.47 -15.19 -9.19
N ALA A 219 4.81 -15.34 -8.05
CA ALA A 219 4.63 -14.26 -7.07
C ALA A 219 4.19 -12.95 -7.73
N THR A 220 3.17 -13.04 -8.59
CA THR A 220 2.78 -11.94 -9.46
C THR A 220 1.25 -11.78 -9.47
N TRP A 221 0.81 -10.53 -9.34
CA TRP A 221 -0.60 -10.13 -9.43
C TRP A 221 -0.83 -9.65 -10.85
N THR A 222 -1.59 -10.43 -11.61
CA THR A 222 -1.88 -10.03 -12.97
C THR A 222 -3.37 -9.71 -13.12
N PHE A 223 -3.67 -8.67 -13.88
CA PHE A 223 -5.03 -8.23 -14.10
C PHE A 223 -5.77 -9.22 -15.01
N VAL A 224 -7.07 -9.43 -14.75
CA VAL A 224 -7.91 -10.15 -15.69
C VAL A 224 -9.06 -9.23 -16.11
N ALA A 225 -10.12 -9.83 -16.67
CA ALA A 225 -11.23 -9.02 -17.15
C ALA A 225 -11.92 -8.31 -15.96
N PRO A 226 -12.35 -7.05 -16.12
CA PRO A 226 -13.05 -6.39 -15.03
C PRO A 226 -14.53 -6.77 -15.01
N MET A 227 -15.13 -6.58 -13.85
CA MET A 227 -16.56 -6.83 -13.72
C MET A 227 -17.34 -5.77 -14.51
N LYS A 228 -18.62 -6.05 -14.69
CA LYS A 228 -19.51 -5.10 -15.34
C LYS A 228 -19.82 -3.91 -14.45
N HIS A 229 -19.98 -4.12 -13.15
CA HIS A 229 -20.37 -3.04 -12.26
C HIS A 229 -19.32 -2.87 -11.16
N ARG A 230 -18.81 -1.63 -11.05
CA ARG A 230 -17.95 -1.27 -9.94
C ARG A 230 -18.66 -1.53 -8.63
N ARG A 231 -17.93 -2.06 -7.65
CA ARG A 231 -18.59 -2.43 -6.42
C ARG A 231 -17.56 -2.63 -5.32
N SER A 232 -17.88 -2.10 -4.15
CA SER A 232 -17.13 -2.32 -2.93
C SER A 232 -18.03 -2.96 -1.89
N ALA A 233 -17.42 -3.70 -0.96
CA ALA A 233 -18.14 -4.44 0.08
C ALA A 233 -19.08 -5.46 -0.54
N LEU A 234 -18.58 -6.13 -1.57
CA LEU A 234 -19.28 -7.19 -2.25
C LEU A 234 -19.03 -8.50 -1.52
N GLY A 235 -19.92 -9.46 -1.75
CA GLY A 235 -19.67 -10.82 -1.38
C GLY A 235 -19.16 -11.59 -2.57
N ILE A 236 -18.46 -12.69 -2.29
CA ILE A 236 -17.80 -13.43 -3.35
C ILE A 236 -17.70 -14.88 -2.92
N THR A 237 -17.79 -15.79 -3.90
CA THR A 237 -17.59 -17.21 -3.63
C THR A 237 -17.33 -17.91 -4.96
N VAL A 238 -16.92 -19.16 -4.84
CA VAL A 238 -16.64 -20.00 -6.01
C VAL A 238 -17.64 -21.13 -6.00
N HIS A 239 -18.36 -21.29 -7.11
CA HIS A 239 -19.33 -22.38 -7.30
C HIS A 239 -19.03 -23.06 -8.63
N GLN A 240 -18.67 -24.35 -8.59
CA GLN A 240 -18.44 -25.16 -9.79
C GLN A 240 -17.46 -24.50 -10.76
N GLY A 241 -16.29 -24.11 -10.26
CA GLY A 241 -15.25 -23.56 -11.11
C GLY A 241 -15.47 -22.14 -11.60
N ARG A 242 -16.39 -21.39 -10.99
CA ARG A 242 -16.70 -20.03 -11.44
C ARG A 242 -16.88 -19.10 -10.25
N ILE A 243 -16.48 -17.86 -10.44
CA ILE A 243 -16.54 -16.87 -9.37
C ILE A 243 -17.87 -16.15 -9.45
N TYR A 244 -18.50 -15.94 -8.30
CA TYR A 244 -19.73 -15.18 -8.19
C TYR A 244 -19.50 -14.01 -7.25
N VAL A 245 -19.86 -12.81 -7.69
CA VAL A 245 -19.85 -11.65 -6.81
C VAL A 245 -21.27 -11.16 -6.64
N LEU A 246 -21.62 -10.83 -5.40
CA LEU A 246 -22.99 -10.51 -5.01
C LEU A 246 -23.04 -9.12 -4.41
N GLY A 247 -23.90 -8.28 -4.95
CA GLY A 247 -24.18 -6.99 -4.36
C GLY A 247 -22.94 -6.12 -4.20
N GLY A 248 -22.94 -5.36 -3.14
CA GLY A 248 -21.95 -4.34 -2.90
C GLY A 248 -22.54 -2.96 -3.13
N TYR A 249 -21.65 -1.98 -3.15
CA TYR A 249 -22.02 -0.58 -3.16
C TYR A 249 -21.14 0.14 -4.18
N ASP A 250 -21.76 0.94 -5.04
CA ASP A 250 -21.04 1.60 -6.13
C ASP A 250 -20.95 3.11 -5.94
N GLY A 251 -21.11 3.60 -4.71
CA GLY A 251 -21.06 5.03 -4.44
C GLY A 251 -22.40 5.71 -4.53
N HIS A 252 -23.40 5.07 -5.12
CA HIS A 252 -24.75 5.64 -5.19
C HIS A 252 -25.80 4.65 -4.74
N THR A 253 -25.59 3.38 -5.07
CA THR A 253 -26.60 2.34 -4.96
C THR A 253 -26.03 1.10 -4.26
N PHE A 254 -26.85 0.51 -3.40
CA PHE A 254 -26.61 -0.83 -2.89
C PHE A 254 -27.11 -1.82 -3.93
N LEU A 255 -26.19 -2.61 -4.48
CA LEU A 255 -26.47 -3.39 -5.67
C LEU A 255 -27.17 -4.70 -5.35
N ASP A 256 -28.08 -5.12 -6.23
CA ASP A 256 -28.59 -6.49 -6.18
C ASP A 256 -27.98 -7.38 -7.26
N SER A 257 -27.14 -6.83 -8.12
CA SER A 257 -26.66 -7.61 -9.26
C SER A 257 -25.67 -8.67 -8.80
N VAL A 258 -25.73 -9.82 -9.45
CA VAL A 258 -24.79 -10.91 -9.20
C VAL A 258 -24.09 -11.21 -10.50
N GLU A 259 -22.77 -11.13 -10.49
CA GLU A 259 -21.97 -11.39 -11.69
C GLU A 259 -21.20 -12.69 -11.52
N CYS A 260 -20.89 -13.34 -12.64
CA CYS A 260 -20.25 -14.65 -12.61
C CYS A 260 -19.07 -14.62 -13.55
N TYR A 261 -17.91 -15.04 -13.08
CA TYR A 261 -16.70 -15.02 -13.90
C TYR A 261 -16.37 -16.43 -14.37
N ASP A 262 -16.23 -16.60 -15.68
CA ASP A 262 -15.75 -17.88 -16.21
C ASP A 262 -14.26 -17.76 -16.50
N PRO A 263 -13.39 -18.51 -15.82
CA PRO A 263 -11.96 -18.37 -16.08
C PRO A 263 -11.55 -18.85 -17.47
N ASP A 264 -12.25 -19.83 -18.05
CA ASP A 264 -11.86 -20.33 -19.36
C ASP A 264 -12.07 -19.31 -20.47
N THR A 265 -13.08 -18.45 -20.34
CA THR A 265 -13.29 -17.40 -21.33
C THR A 265 -12.77 -16.04 -20.89
N ASP A 266 -12.29 -15.91 -19.66
CA ASP A 266 -11.96 -14.62 -19.05
C ASP A 266 -13.09 -13.61 -19.26
N THR A 267 -14.30 -14.04 -18.95
CA THR A 267 -15.47 -13.20 -19.13
C THR A 267 -16.30 -13.16 -17.86
N TRP A 268 -16.89 -11.99 -17.60
CA TRP A 268 -17.91 -11.81 -16.59
C TRP A 268 -19.27 -11.70 -17.26
N SER A 269 -20.29 -12.27 -16.61
CA SER A 269 -21.65 -11.96 -17.04
C SER A 269 -22.56 -11.88 -15.82
N GLU A 270 -23.68 -11.18 -16.01
CA GLU A 270 -24.70 -10.99 -15.00
C GLU A 270 -25.66 -12.16 -15.03
N VAL A 271 -25.78 -12.89 -13.93
CA VAL A 271 -26.56 -14.13 -13.95
C VAL A 271 -27.89 -13.98 -13.22
N THR A 272 -27.96 -13.11 -12.21
CA THR A 272 -29.21 -12.98 -11.45
C THR A 272 -29.19 -11.64 -10.75
N ARG A 273 -30.30 -11.32 -10.09
CA ARG A 273 -30.36 -10.23 -9.12
C ARG A 273 -30.80 -10.83 -7.80
N MET A 274 -30.22 -10.35 -6.71
CA MET A 274 -30.74 -10.74 -5.40
C MET A 274 -32.13 -10.16 -5.19
N THR A 275 -32.86 -10.71 -4.24
CA THR A 275 -34.22 -10.21 -3.98
C THR A 275 -34.22 -8.75 -3.56
N SER A 276 -33.12 -8.25 -3.01
CA SER A 276 -33.02 -6.81 -2.70
C SER A 276 -31.54 -6.44 -2.60
N GLY A 277 -31.21 -5.22 -3.04
CA GLY A 277 -29.82 -4.80 -3.07
C GLY A 277 -29.24 -4.65 -1.67
N ARG A 278 -27.95 -4.93 -1.54
CA ARG A 278 -27.34 -4.94 -0.22
C ARG A 278 -25.83 -5.03 -0.38
N SER A 279 -25.11 -4.55 0.64
CA SER A 279 -23.66 -4.67 0.67
C SER A 279 -23.27 -5.38 1.95
N GLY A 280 -21.99 -5.72 2.07
CA GLY A 280 -21.46 -6.31 3.30
C GLY A 280 -22.04 -7.65 3.73
N VAL A 281 -22.27 -8.57 2.78
CA VAL A 281 -22.84 -9.89 3.07
C VAL A 281 -21.72 -10.88 3.33
N GLY A 282 -22.07 -11.97 4.03
CA GLY A 282 -21.24 -13.15 4.05
C GLY A 282 -21.75 -14.18 3.04
N VAL A 283 -20.87 -14.75 2.23
CA VAL A 283 -21.27 -15.67 1.16
C VAL A 283 -20.47 -16.96 1.28
N ALA A 284 -21.14 -18.10 1.06
CA ALA A 284 -20.46 -19.40 0.96
C ALA A 284 -21.39 -20.41 0.27
N VAL A 285 -20.84 -21.59 0.00
CA VAL A 285 -21.48 -22.64 -0.78
C VAL A 285 -21.55 -23.92 0.04
N THR A 286 -22.74 -24.48 0.17
CA THR A 286 -22.89 -25.81 0.73
C THR A 286 -24.15 -26.40 0.10
N MET A 287 -24.60 -27.54 0.65
CA MET A 287 -25.32 -28.58 -0.08
C MET A 287 -26.60 -28.11 -0.76
N GLU A 288 -27.53 -27.57 0.07
CA GLU A 288 -28.94 -27.29 -0.22
C GLU A 288 -29.73 -28.04 0.85
N PRO A 289 -30.80 -27.44 1.41
CA PRO A 289 -31.61 -28.07 2.47
C PRO A 289 -32.67 -29.07 2.08
N LEU B 4 32.99 14.63 -1.19
CA LEU B 4 32.07 15.24 -0.25
C LEU B 4 30.61 15.05 -0.67
N ILE B 5 29.69 15.32 0.25
CA ILE B 5 28.27 15.12 -0.01
C ILE B 5 27.59 16.49 -0.04
N TYR B 6 27.05 16.82 -1.22
CA TYR B 6 26.42 18.09 -1.49
C TYR B 6 24.92 18.01 -1.21
N THR B 7 24.38 19.00 -0.51
CA THR B 7 22.94 19.16 -0.35
C THR B 7 22.50 20.43 -1.09
N ALA B 8 21.50 20.29 -1.95
CA ALA B 8 21.01 21.39 -2.78
C ALA B 8 19.54 21.65 -2.47
N GLY B 9 19.19 22.92 -2.35
CA GLY B 9 17.82 23.29 -2.09
C GLY B 9 17.39 23.02 -0.66
N GLY B 10 16.09 22.85 -0.50
CA GLY B 10 15.50 22.58 0.80
C GLY B 10 14.46 23.64 1.14
N TYR B 11 13.97 23.55 2.37
CA TYR B 11 12.90 24.46 2.74
C TYR B 11 12.96 24.76 4.24
N PHE B 12 12.93 26.07 4.55
CA PHE B 12 12.69 26.56 5.90
C PHE B 12 12.01 27.92 5.73
N ARG B 13 10.70 27.98 5.96
CA ARG B 13 9.84 29.14 5.75
C ARG B 13 9.66 29.48 4.26
N GLN B 14 10.64 29.18 3.41
CA GLN B 14 10.46 29.30 1.96
C GLN B 14 11.47 28.35 1.31
N SER B 15 11.28 28.12 0.03
CA SER B 15 12.25 27.29 -0.66
C SER B 15 13.60 28.02 -0.69
N LEU B 16 14.69 27.24 -0.73
CA LEU B 16 16.06 27.69 -0.56
C LEU B 16 16.86 27.44 -1.83
N SER B 17 17.93 28.22 -1.98
CA SER B 17 18.91 28.03 -3.05
C SER B 17 20.25 27.52 -2.54
N TYR B 18 20.33 27.11 -1.27
CA TYR B 18 21.60 26.67 -0.70
C TYR B 18 22.20 25.51 -1.50
N LEU B 19 23.51 25.58 -1.69
CA LEU B 19 24.33 24.43 -2.08
C LEU B 19 25.45 24.36 -1.07
N GLU B 20 25.43 23.34 -0.23
CA GLU B 20 26.42 23.16 0.82
C GLU B 20 27.01 21.76 0.71
N ALA B 21 28.27 21.62 1.12
CA ALA B 21 29.02 20.39 1.00
C ALA B 21 29.51 19.98 2.38
N TYR B 22 29.25 18.74 2.77
CA TYR B 22 29.70 18.24 4.06
C TYR B 22 30.93 17.35 3.91
N ASN B 23 31.87 17.51 4.85
CA ASN B 23 33.07 16.71 4.91
C ASN B 23 32.96 15.75 6.08
N PRO B 24 32.66 14.48 5.85
CA PRO B 24 32.70 13.52 6.96
C PRO B 24 34.09 13.31 7.51
N SER B 25 35.14 13.65 6.76
CA SER B 25 36.48 13.58 7.31
C SER B 25 36.74 14.72 8.29
N ASP B 26 36.55 15.98 7.84
CA ASP B 26 36.86 17.13 8.69
C ASP B 26 35.68 17.49 9.60
N GLY B 27 34.47 17.13 9.22
CA GLY B 27 33.29 17.55 9.94
C GLY B 27 32.87 18.97 9.66
N THR B 28 33.48 19.61 8.67
CA THR B 28 33.26 20.99 8.26
C THR B 28 32.12 21.06 7.25
N TRP B 29 31.54 22.25 7.13
CA TRP B 29 30.61 22.56 6.05
C TRP B 29 31.21 23.64 5.15
N LEU B 30 31.22 23.36 3.86
CA LEU B 30 31.76 24.22 2.81
C LEU B 30 30.59 24.71 1.95
N ARG B 31 30.46 26.03 1.80
CA ARG B 31 29.31 26.58 1.09
C ARG B 31 29.70 27.12 -0.28
N LEU B 32 28.94 26.73 -1.31
CA LEU B 32 29.22 27.10 -2.69
C LEU B 32 28.13 27.97 -3.30
N ALA B 33 28.07 27.99 -4.63
CA ALA B 33 27.16 28.87 -5.35
C ALA B 33 25.70 28.56 -5.05
N ASP B 34 24.89 29.61 -4.97
CA ASP B 34 23.45 29.43 -4.84
C ASP B 34 22.86 28.82 -6.10
N LEU B 35 21.86 27.97 -5.91
CA LEU B 35 20.99 27.58 -7.02
C LEU B 35 20.41 28.85 -7.67
N GLN B 36 20.26 28.83 -8.99
CA GLN B 36 19.78 30.04 -9.66
C GLN B 36 18.31 30.28 -9.37
N VAL B 37 17.54 29.21 -9.19
CA VAL B 37 16.14 29.28 -8.73
C VAL B 37 15.98 28.47 -7.44
N PRO B 38 15.39 29.03 -6.39
CA PRO B 38 15.16 28.26 -5.16
C PRO B 38 14.27 27.05 -5.43
N ARG B 39 14.56 25.95 -4.74
CA ARG B 39 13.87 24.68 -4.95
C ARG B 39 13.82 23.91 -3.65
N SER B 40 12.65 23.32 -3.38
CA SER B 40 12.45 22.29 -2.36
C SER B 40 11.63 21.15 -2.97
N GLY B 41 11.58 20.02 -2.24
CA GLY B 41 11.06 18.78 -2.78
C GLY B 41 11.73 18.30 -4.06
N LEU B 42 13.00 18.65 -4.28
CA LEU B 42 13.72 18.23 -5.46
C LEU B 42 14.53 16.97 -5.14
N ALA B 43 15.20 16.44 -6.16
CA ALA B 43 16.12 15.32 -5.96
C ALA B 43 17.48 15.64 -6.57
N GLY B 44 18.52 15.11 -5.92
CA GLY B 44 19.89 15.29 -6.39
C GLY B 44 20.55 13.98 -6.78
N CYS B 45 21.39 14.04 -7.81
CA CYS B 45 22.18 12.89 -8.26
C CYS B 45 23.48 13.43 -8.87
N VAL B 46 24.36 12.51 -9.27
CA VAL B 46 25.63 12.85 -9.92
C VAL B 46 25.85 11.95 -11.12
N VAL B 47 26.21 12.54 -12.25
CA VAL B 47 26.57 11.84 -13.48
C VAL B 47 27.81 12.49 -14.07
N GLY B 48 28.83 11.68 -14.34
CA GLY B 48 30.09 12.22 -14.81
C GLY B 48 30.71 13.24 -13.88
N GLY B 49 30.62 13.03 -12.58
CA GLY B 49 31.07 13.99 -11.60
C GLY B 49 30.23 15.26 -11.52
N LEU B 50 29.38 15.51 -12.52
CA LEU B 50 28.49 16.66 -12.50
C LEU B 50 27.25 16.38 -11.66
N LEU B 51 26.88 17.34 -10.82
CA LEU B 51 25.77 17.22 -9.89
C LEU B 51 24.51 17.77 -10.54
N TYR B 52 23.46 16.95 -10.63
CA TYR B 52 22.22 17.38 -11.25
C TYR B 52 21.16 17.59 -10.17
N ALA B 53 20.44 18.70 -10.28
CA ALA B 53 19.28 18.97 -9.42
C ALA B 53 18.02 18.89 -10.28
N VAL B 54 17.04 18.13 -9.82
CA VAL B 54 15.90 17.71 -10.65
C VAL B 54 14.59 18.05 -9.95
N GLY B 55 13.66 18.62 -10.69
CA GLY B 55 12.32 18.92 -10.22
C GLY B 55 12.29 19.80 -8.99
N GLY B 56 11.30 19.54 -8.15
CA GLY B 56 11.05 20.32 -6.97
C GLY B 56 10.05 21.44 -7.23
N ARG B 57 10.16 22.48 -6.40
CA ARG B 57 9.15 23.51 -6.37
C ARG B 57 9.73 24.77 -5.72
N ASN B 58 9.24 25.96 -6.12
CA ASN B 58 9.64 27.22 -5.49
C ASN B 58 8.45 27.74 -4.71
N ASN B 59 8.43 27.42 -3.42
CA ASN B 59 7.38 27.81 -2.47
C ASN B 59 7.86 29.07 -1.78
N SER B 60 7.33 30.23 -2.20
CA SER B 60 7.82 31.54 -1.81
C SER B 60 6.68 32.39 -1.29
N PRO B 61 6.96 33.57 -0.71
CA PRO B 61 5.85 34.44 -0.27
C PRO B 61 4.99 34.93 -1.43
N ASP B 62 5.46 34.80 -2.68
CA ASP B 62 4.77 35.31 -3.85
C ASP B 62 4.41 34.25 -4.89
N GLY B 63 4.44 32.97 -4.54
CA GLY B 63 4.23 31.93 -5.53
C GLY B 63 4.47 30.55 -4.93
N ASN B 64 4.18 29.53 -5.74
CA ASN B 64 4.37 28.13 -5.34
C ASN B 64 4.47 27.31 -6.62
N THR B 65 5.58 27.47 -7.34
CA THR B 65 5.69 26.96 -8.71
C THR B 65 6.45 25.63 -8.75
N ASP B 66 5.75 24.59 -9.19
CA ASP B 66 6.36 23.30 -9.45
C ASP B 66 7.37 23.38 -10.60
N SER B 67 8.52 22.75 -10.42
CA SER B 67 9.64 22.91 -11.35
C SER B 67 9.73 21.72 -12.30
N SER B 68 9.78 22.02 -13.61
CA SER B 68 10.16 21.05 -14.62
C SER B 68 11.65 21.12 -14.92
N ALA B 69 12.40 21.91 -14.16
CA ALA B 69 13.77 22.25 -14.52
C ALA B 69 14.74 21.12 -14.16
N LEU B 70 15.84 21.07 -14.91
CA LEU B 70 17.00 20.28 -14.53
C LEU B 70 18.23 21.15 -14.66
N ASP B 71 19.02 21.21 -13.58
CA ASP B 71 20.15 22.12 -13.49
C ASP B 71 21.40 21.34 -13.08
N CYS B 72 22.53 21.72 -13.67
CA CYS B 72 23.78 20.99 -13.55
C CYS B 72 24.83 21.86 -12.87
N TYR B 73 25.44 21.34 -11.82
CA TYR B 73 26.52 22.02 -11.11
C TYR B 73 27.82 21.28 -11.37
N ASN B 74 28.89 22.03 -11.67
CA ASN B 74 30.19 21.43 -11.93
C ASN B 74 31.13 21.73 -10.78
N PRO B 75 31.74 20.72 -10.15
CA PRO B 75 32.43 20.97 -8.87
C PRO B 75 33.70 21.81 -9.01
N MET B 76 34.40 21.76 -10.16
CA MET B 76 35.57 22.61 -10.33
C MET B 76 35.17 24.02 -10.75
N THR B 77 34.18 24.13 -11.67
CA THR B 77 33.77 25.44 -12.15
C THR B 77 33.09 26.24 -11.05
N ASN B 78 32.46 25.57 -10.08
CA ASN B 78 31.54 26.20 -9.14
C ASN B 78 30.52 27.06 -9.90
N GLN B 79 29.81 26.44 -10.85
CA GLN B 79 28.71 27.17 -11.47
C GLN B 79 27.65 26.25 -12.01
N TRP B 80 26.42 26.73 -11.94
CA TRP B 80 25.21 26.05 -12.40
C TRP B 80 24.97 26.36 -13.87
N SER B 81 24.34 25.41 -14.56
CA SER B 81 24.03 25.60 -15.97
C SER B 81 22.69 24.90 -16.20
N PRO B 82 21.76 25.54 -16.90
CA PRO B 82 20.48 24.90 -17.17
C PRO B 82 20.60 23.85 -18.26
N CYS B 83 19.80 22.80 -18.12
CA CYS B 83 19.68 21.75 -19.13
C CYS B 83 18.24 21.73 -19.63
N ALA B 84 17.95 20.84 -20.56
CA ALA B 84 16.59 20.76 -21.07
C ALA B 84 15.65 20.41 -19.91
N PRO B 85 14.45 20.97 -19.88
CA PRO B 85 13.50 20.65 -18.81
C PRO B 85 12.65 19.44 -19.15
N MET B 86 12.11 18.81 -18.10
CA MET B 86 11.31 17.61 -18.26
C MET B 86 10.00 17.94 -18.95
N SER B 87 9.27 16.88 -19.29
CA SER B 87 7.97 17.04 -19.94
C SER B 87 7.00 17.77 -19.02
N VAL B 88 7.03 17.46 -17.71
CA VAL B 88 6.08 18.00 -16.75
C VAL B 88 6.84 18.41 -15.49
N PRO B 89 6.26 19.33 -14.73
CA PRO B 89 6.87 19.67 -13.44
C PRO B 89 6.65 18.53 -12.43
N ARG B 90 7.66 18.32 -11.58
CA ARG B 90 7.66 17.21 -10.63
C ARG B 90 8.12 17.70 -9.26
N ASN B 91 7.17 18.08 -8.41
CA ASN B 91 7.49 18.36 -7.03
C ASN B 91 7.48 17.06 -6.25
N ARG B 92 8.40 16.94 -5.28
CA ARG B 92 8.56 15.73 -4.47
C ARG B 92 8.85 14.52 -5.36
N ILE B 93 9.77 14.75 -6.30
CA ILE B 93 10.21 13.78 -7.29
C ILE B 93 11.20 12.80 -6.66
N GLY B 94 11.38 11.68 -7.34
CA GLY B 94 12.48 10.78 -7.07
C GLY B 94 13.26 10.50 -8.35
N VAL B 95 14.56 10.23 -8.18
CA VAL B 95 15.47 10.08 -9.32
C VAL B 95 16.44 8.95 -9.05
N GLY B 96 16.81 8.23 -10.11
CA GLY B 96 17.92 7.31 -10.05
C GLY B 96 18.79 7.42 -11.27
N VAL B 97 19.99 6.86 -11.16
CA VAL B 97 21.03 6.91 -12.20
C VAL B 97 21.37 5.47 -12.63
N ILE B 98 21.17 5.17 -13.92
CA ILE B 98 21.67 3.92 -14.50
C ILE B 98 22.25 4.17 -15.89
N ASP B 99 23.48 3.68 -16.11
CA ASP B 99 24.17 3.76 -17.41
C ASP B 99 24.29 5.20 -17.87
N GLY B 100 24.69 6.06 -16.94
CA GLY B 100 24.86 7.48 -17.18
C GLY B 100 23.61 8.27 -17.50
N HIS B 101 22.42 7.68 -17.28
CA HIS B 101 21.15 8.33 -17.61
C HIS B 101 20.38 8.68 -16.34
N ILE B 102 19.62 9.79 -16.41
CA ILE B 102 18.84 10.32 -15.29
C ILE B 102 17.40 9.83 -15.43
N TYR B 103 16.88 9.17 -14.40
CA TYR B 103 15.48 8.77 -14.35
C TYR B 103 14.73 9.70 -13.40
N ALA B 104 13.74 10.41 -13.92
CA ALA B 104 12.88 11.27 -13.11
C ALA B 104 11.57 10.55 -12.85
N VAL B 105 11.22 10.39 -11.58
CA VAL B 105 10.16 9.46 -11.17
C VAL B 105 9.05 10.20 -10.42
N GLY B 106 7.83 10.14 -10.95
CA GLY B 106 6.66 10.57 -10.20
C GLY B 106 6.67 12.07 -9.88
N GLY B 107 6.26 12.42 -8.66
CA GLY B 107 6.13 13.79 -8.25
C GLY B 107 4.76 14.35 -8.58
N SER B 108 4.50 15.56 -8.09
CA SER B 108 3.22 16.21 -8.36
C SER B 108 3.41 17.48 -9.19
N HIS B 109 2.32 17.85 -9.87
CA HIS B 109 2.14 19.17 -10.46
C HIS B 109 0.73 19.62 -10.09
N GLY B 110 0.63 20.58 -9.18
CA GLY B 110 -0.68 20.95 -8.69
C GLY B 110 -1.27 19.79 -7.91
N CYS B 111 -2.47 19.36 -8.30
CA CYS B 111 -3.07 18.20 -7.66
C CYS B 111 -2.90 16.92 -8.46
N ILE B 112 -2.19 16.97 -9.58
CA ILE B 112 -1.91 15.78 -10.37
C ILE B 112 -0.69 15.07 -9.80
N HIS B 113 -0.87 13.83 -9.38
CA HIS B 113 0.22 13.02 -8.85
C HIS B 113 0.68 12.07 -9.96
N HIS B 114 1.92 12.23 -10.41
CA HIS B 114 2.36 11.54 -11.62
C HIS B 114 2.61 10.06 -11.35
N ASN B 115 2.27 9.21 -12.32
CA ASN B 115 2.88 7.91 -12.41
C ASN B 115 3.91 7.83 -13.53
N SER B 116 4.03 8.88 -14.34
CA SER B 116 4.93 8.88 -15.49
C SER B 116 6.38 8.96 -15.02
N VAL B 117 7.25 8.40 -15.86
CA VAL B 117 8.68 8.44 -15.65
C VAL B 117 9.31 8.89 -16.96
N GLU B 118 10.40 9.64 -16.86
CA GLU B 118 11.13 10.05 -18.05
C GLU B 118 12.61 10.01 -17.76
N ARG B 119 13.38 9.96 -18.84
CA ARG B 119 14.80 9.68 -18.79
C ARG B 119 15.57 10.74 -19.57
N TYR B 120 16.61 11.28 -18.93
CA TYR B 120 17.48 12.30 -19.48
C TYR B 120 18.85 11.71 -19.76
N GLU B 121 19.43 12.04 -20.90
CA GLU B 121 20.78 11.60 -21.25
C GLU B 121 21.70 12.79 -21.41
N PRO B 122 22.73 12.92 -20.56
CA PRO B 122 23.43 14.21 -20.42
C PRO B 122 24.18 14.67 -21.67
N GLU B 123 24.67 13.75 -22.51
CA GLU B 123 25.44 14.14 -23.68
C GLU B 123 24.56 14.41 -24.89
N ARG B 124 23.24 14.23 -24.78
CA ARG B 124 22.31 14.71 -25.80
C ARG B 124 21.39 15.80 -25.27
N ASP B 125 21.36 16.02 -23.95
CA ASP B 125 20.55 17.07 -23.33
C ASP B 125 19.07 16.87 -23.70
N GLU B 126 18.58 15.65 -23.52
CA GLU B 126 17.21 15.32 -23.91
C GLU B 126 16.50 14.47 -22.87
N TRP B 127 15.19 14.69 -22.78
CA TRP B 127 14.29 13.88 -21.98
C TRP B 127 13.39 13.07 -22.90
N HIS B 128 13.04 11.87 -22.47
CA HIS B 128 12.07 11.08 -23.20
C HIS B 128 11.32 10.21 -22.21
N LEU B 129 10.02 10.07 -22.44
CA LEU B 129 9.21 9.29 -21.53
C LEU B 129 9.43 7.80 -21.74
N VAL B 130 9.31 7.07 -20.64
CA VAL B 130 9.43 5.62 -20.62
C VAL B 130 8.13 5.09 -20.07
N ALA B 131 8.06 3.79 -19.75
CA ALA B 131 6.83 3.21 -19.23
C ALA B 131 6.46 3.88 -17.90
N PRO B 132 5.19 4.20 -17.68
CA PRO B 132 4.78 4.72 -16.38
C PRO B 132 4.78 3.65 -15.31
N MET B 133 4.92 4.10 -14.06
CA MET B 133 4.75 3.21 -12.92
C MET B 133 3.32 2.67 -12.89
N LEU B 134 3.13 1.60 -12.12
CA LEU B 134 1.82 1.05 -11.82
C LEU B 134 1.06 1.89 -10.80
N THR B 135 1.75 2.80 -10.12
CA THR B 135 1.20 3.60 -9.04
C THR B 135 1.58 5.04 -9.24
N ARG B 136 0.67 5.96 -8.95
CA ARG B 136 1.03 7.36 -8.84
C ARG B 136 1.77 7.58 -7.52
N ARG B 137 2.94 8.23 -7.59
CA ARG B 137 3.84 8.31 -6.43
C ARG B 137 4.48 9.70 -6.39
N ILE B 138 4.23 10.43 -5.31
CA ILE B 138 5.01 11.60 -4.95
C ILE B 138 5.59 11.30 -3.59
N GLY B 139 6.68 11.99 -3.26
CA GLY B 139 7.38 11.65 -2.03
C GLY B 139 8.01 10.29 -2.13
N VAL B 140 8.26 9.82 -3.35
CA VAL B 140 8.69 8.47 -3.66
C VAL B 140 10.20 8.38 -3.52
N GLY B 141 10.67 7.34 -2.84
CA GLY B 141 12.10 7.06 -2.76
C GLY B 141 12.52 6.18 -3.93
N VAL B 142 13.68 6.49 -4.50
CA VAL B 142 14.18 5.85 -5.71
C VAL B 142 15.59 5.34 -5.47
N ALA B 143 15.88 4.16 -6.00
CA ALA B 143 17.17 3.54 -5.81
C ALA B 143 17.46 2.64 -7.00
N VAL B 144 18.73 2.41 -7.24
CA VAL B 144 19.19 1.57 -8.34
C VAL B 144 20.08 0.48 -7.76
N LEU B 145 19.73 -0.77 -8.05
CA LEU B 145 20.51 -1.91 -7.58
C LEU B 145 20.53 -2.97 -8.68
N ASN B 146 21.72 -3.53 -8.94
CA ASN B 146 21.95 -4.42 -10.08
C ASN B 146 21.43 -3.77 -11.35
N ARG B 147 21.52 -2.45 -11.39
CA ARG B 147 21.12 -1.63 -12.52
C ARG B 147 19.66 -1.87 -12.91
N LEU B 148 18.85 -2.05 -11.87
CA LEU B 148 17.39 -2.02 -11.90
C LEU B 148 16.93 -0.79 -11.12
N LEU B 149 15.78 -0.26 -11.47
CA LEU B 149 15.30 0.99 -10.88
C LEU B 149 14.09 0.73 -9.98
N TYR B 150 14.25 1.02 -8.69
CA TYR B 150 13.22 0.80 -7.69
C TYR B 150 12.54 2.12 -7.28
N ALA B 151 11.19 2.15 -7.37
CA ALA B 151 10.36 3.21 -6.80
C ALA B 151 9.69 2.70 -5.53
N VAL B 152 9.92 3.39 -4.41
CA VAL B 152 9.62 2.87 -3.08
C VAL B 152 8.71 3.85 -2.32
N GLY B 153 7.56 3.37 -1.85
CA GLY B 153 6.62 4.14 -1.06
C GLY B 153 6.09 5.36 -1.79
N GLY B 154 5.82 6.41 -1.02
CA GLY B 154 5.28 7.64 -1.53
C GLY B 154 3.82 7.84 -1.19
N PHE B 155 3.16 8.66 -2.01
CA PHE B 155 1.81 9.15 -1.75
C PHE B 155 1.13 9.30 -3.12
N ASP B 156 -0.08 8.74 -3.26
CA ASP B 156 -0.74 8.73 -4.56
C ASP B 156 -1.78 9.83 -4.74
N GLY B 157 -1.91 10.71 -3.75
CA GLY B 157 -2.96 11.70 -3.72
C GLY B 157 -3.97 11.47 -2.61
N THR B 158 -4.09 10.23 -2.14
CA THR B 158 -5.15 9.83 -1.21
C THR B 158 -4.54 8.94 -0.12
N ASN B 159 -3.77 7.94 -0.55
CA ASN B 159 -3.15 6.97 0.34
C ASN B 159 -1.64 7.07 0.31
N ARG B 160 -1.04 6.99 1.49
CA ARG B 160 0.39 6.76 1.58
C ARG B 160 0.66 5.26 1.47
N LEU B 161 1.81 4.92 0.89
CA LEU B 161 2.08 3.61 0.32
C LEU B 161 3.24 2.93 1.04
N ASN B 162 3.14 1.60 1.15
CA ASN B 162 4.27 0.76 1.51
C ASN B 162 4.69 -0.13 0.36
N SER B 163 4.04 0.00 -0.78
CA SER B 163 4.37 -0.81 -1.93
C SER B 163 5.65 -0.29 -2.57
N ALA B 164 6.31 -1.17 -3.30
CA ALA B 164 7.48 -0.81 -4.07
C ALA B 164 7.36 -1.53 -5.41
N GLU B 165 7.95 -0.93 -6.44
CA GLU B 165 7.92 -1.54 -7.75
C GLU B 165 9.28 -1.35 -8.42
N CYS B 166 9.53 -2.19 -9.42
CA CYS B 166 10.84 -2.32 -10.02
C CYS B 166 10.71 -2.08 -11.51
N TYR B 167 11.63 -1.31 -12.06
CA TYR B 167 11.63 -0.98 -13.48
C TYR B 167 12.79 -1.69 -14.15
N TYR B 168 12.50 -2.41 -15.23
CA TYR B 168 13.55 -3.14 -15.93
C TYR B 168 13.95 -2.39 -17.20
N PRO B 169 15.17 -1.84 -17.27
CA PRO B 169 15.53 -0.97 -18.40
C PRO B 169 15.47 -1.64 -19.76
N GLU B 170 15.76 -2.94 -19.86
CA GLU B 170 15.79 -3.60 -21.16
C GLU B 170 14.48 -4.27 -21.53
N ARG B 171 13.39 -3.89 -20.88
CA ARG B 171 12.07 -4.19 -21.38
C ARG B 171 11.09 -3.07 -21.15
N ASN B 172 11.47 -2.01 -20.45
CA ASN B 172 10.60 -0.87 -20.22
C ASN B 172 9.27 -1.35 -19.60
N GLU B 173 9.40 -2.01 -18.45
CA GLU B 173 8.28 -2.56 -17.72
C GLU B 173 8.50 -2.38 -16.22
N TRP B 174 7.40 -2.18 -15.51
CA TRP B 174 7.39 -2.08 -14.06
C TRP B 174 6.79 -3.33 -13.45
N ARG B 175 7.43 -3.83 -12.41
CA ARG B 175 6.96 -5.02 -11.69
C ARG B 175 6.84 -4.68 -10.22
N MET B 176 5.67 -4.96 -9.64
CA MET B 176 5.53 -4.85 -8.19
C MET B 176 6.44 -5.88 -7.50
N ILE B 177 7.04 -5.47 -6.39
CA ILE B 177 7.81 -6.40 -5.57
C ILE B 177 7.15 -6.49 -4.21
N THR B 178 7.79 -7.16 -3.26
CA THR B 178 7.28 -7.24 -1.89
C THR B 178 7.17 -5.84 -1.30
N ALA B 179 6.05 -5.58 -0.64
CA ALA B 179 5.84 -4.30 0.02
C ALA B 179 6.67 -4.21 1.28
N MET B 180 6.94 -2.97 1.70
CA MET B 180 7.62 -2.74 2.96
C MET B 180 6.72 -3.11 4.12
N ASN B 181 7.33 -3.31 5.28
CA ASN B 181 6.55 -3.49 6.49
C ASN B 181 5.81 -2.22 6.87
N THR B 182 6.39 -1.05 6.57
CA THR B 182 5.84 0.21 7.01
C THR B 182 5.49 1.10 5.82
N ILE B 183 4.32 1.72 5.91
CA ILE B 183 3.94 2.76 4.96
C ILE B 183 4.85 3.96 5.14
N ARG B 184 5.44 4.42 4.04
CA ARG B 184 6.45 5.48 4.09
C ARG B 184 6.27 6.43 2.93
N SER B 185 5.88 7.66 3.22
CA SER B 185 5.97 8.73 2.24
C SER B 185 7.02 9.72 2.72
N GLY B 186 7.78 10.25 1.76
CA GLY B 186 8.87 11.14 2.08
C GLY B 186 10.00 10.51 2.88
N ALA B 187 10.29 9.23 2.65
CA ALA B 187 11.43 8.58 3.30
C ALA B 187 12.70 8.85 2.51
N GLY B 188 13.84 8.56 3.16
CA GLY B 188 15.11 8.48 2.46
C GLY B 188 15.33 7.07 1.97
N VAL B 189 15.53 6.92 0.66
CA VAL B 189 15.69 5.63 0.02
C VAL B 189 16.99 5.61 -0.79
N CYS B 190 17.90 4.71 -0.43
CA CYS B 190 19.16 4.54 -1.14
C CYS B 190 19.51 3.07 -1.23
N VAL B 191 20.67 2.79 -1.84
CA VAL B 191 21.23 1.45 -1.98
C VAL B 191 22.54 1.46 -1.21
N LEU B 192 22.53 0.98 0.04
CA LEU B 192 23.75 0.82 0.81
C LEU B 192 24.18 -0.64 0.72
N HIS B 193 25.41 -0.86 0.28
CA HIS B 193 26.00 -2.19 0.05
C HIS B 193 25.10 -2.91 -0.95
N ASN B 194 24.25 -3.84 -0.55
CA ASN B 194 23.43 -4.40 -1.62
C ASN B 194 21.97 -4.57 -1.21
N CYS B 195 21.51 -3.83 -0.23
CA CYS B 195 20.10 -3.81 0.12
C CYS B 195 19.56 -2.42 -0.16
N ILE B 196 18.30 -2.34 -0.56
CA ILE B 196 17.64 -1.06 -0.68
C ILE B 196 17.20 -0.66 0.70
N TYR B 197 17.59 0.53 1.11
CA TYR B 197 17.33 1.01 2.46
C TYR B 197 16.28 2.11 2.37
N ALA B 198 15.27 2.03 3.22
CA ALA B 198 14.23 3.04 3.34
C ALA B 198 14.21 3.48 4.79
N ALA B 199 14.55 4.75 5.04
CA ALA B 199 14.66 5.25 6.40
C ALA B 199 13.64 6.36 6.64
N GLY B 200 12.91 6.26 7.74
CA GLY B 200 12.01 7.32 8.13
C GLY B 200 10.84 7.48 7.16
N GLY B 201 10.44 8.73 6.98
CA GLY B 201 9.24 9.04 6.23
C GLY B 201 8.08 9.29 7.16
N TYR B 202 6.91 9.34 6.52
CA TYR B 202 5.66 9.68 7.19
C TYR B 202 4.61 8.69 6.72
N ASP B 203 3.90 8.07 7.67
CA ASP B 203 2.90 7.06 7.38
C ASP B 203 1.48 7.61 7.41
N GLY B 204 1.31 8.93 7.37
CA GLY B 204 -0.02 9.52 7.43
C GLY B 204 -0.47 9.93 8.83
N GLN B 205 0.27 9.56 9.88
CA GLN B 205 -0.04 10.04 11.21
C GLN B 205 1.21 10.44 12.00
N ASP B 206 2.33 9.74 11.80
CA ASP B 206 3.55 10.03 12.54
C ASP B 206 4.74 9.97 11.61
N GLN B 207 5.69 10.88 11.85
CA GLN B 207 7.01 10.74 11.26
C GLN B 207 7.68 9.51 11.87
N LEU B 208 8.58 8.90 11.10
CA LEU B 208 9.12 7.60 11.44
C LEU B 208 10.60 7.70 11.69
N ASN B 209 11.06 6.94 12.67
CA ASN B 209 12.49 6.75 12.81
C ASN B 209 12.95 5.36 12.42
N SER B 210 12.01 4.41 12.21
CA SER B 210 12.37 3.07 11.77
C SER B 210 13.04 3.10 10.40
N VAL B 211 13.92 2.12 10.20
CA VAL B 211 14.63 1.92 8.95
C VAL B 211 14.50 0.45 8.61
N GLU B 212 14.21 0.16 7.34
CA GLU B 212 14.18 -1.22 6.88
C GLU B 212 14.90 -1.31 5.56
N ARG B 213 15.34 -2.52 5.24
CA ARG B 213 16.14 -2.75 4.04
C ARG B 213 15.64 -3.95 3.27
N TYR B 214 15.74 -3.87 1.96
CA TYR B 214 15.24 -4.91 1.09
C TYR B 214 16.40 -5.77 0.62
N ASP B 215 16.26 -7.08 0.79
CA ASP B 215 17.28 -8.02 0.34
C ASP B 215 16.77 -8.69 -0.93
N VAL B 216 17.46 -8.43 -2.05
CA VAL B 216 16.98 -8.87 -3.35
C VAL B 216 16.88 -10.39 -3.44
N ALA B 217 17.92 -11.09 -2.99
CA ALA B 217 17.97 -12.55 -3.15
C ALA B 217 16.81 -13.25 -2.46
N THR B 218 16.35 -12.74 -1.31
CA THR B 218 15.23 -13.35 -0.58
C THR B 218 13.92 -12.59 -0.77
N ALA B 219 13.94 -11.46 -1.50
CA ALA B 219 12.79 -10.56 -1.65
C ALA B 219 12.16 -10.22 -0.30
N THR B 220 12.99 -9.86 0.66
CA THR B 220 12.52 -9.65 2.03
C THR B 220 12.97 -8.29 2.55
N TRP B 221 12.04 -7.58 3.20
CA TRP B 221 12.32 -6.36 3.96
C TRP B 221 12.59 -6.72 5.41
N THR B 222 13.65 -6.14 5.98
CA THR B 222 14.08 -6.38 7.35
C THR B 222 14.37 -5.08 8.07
N PHE B 223 13.91 -4.98 9.31
CA PHE B 223 14.13 -3.82 10.17
C PHE B 223 15.55 -3.84 10.72
N VAL B 224 16.20 -2.67 10.70
CA VAL B 224 17.54 -2.51 11.25
C VAL B 224 17.51 -1.43 12.31
N ALA B 225 18.66 -0.83 12.56
CA ALA B 225 18.78 0.21 13.56
C ALA B 225 17.82 1.37 13.26
N PRO B 226 16.91 1.71 14.17
CA PRO B 226 16.01 2.84 13.92
C PRO B 226 16.71 4.17 14.15
N MET B 227 16.31 5.16 13.37
CA MET B 227 16.96 6.46 13.47
C MET B 227 16.70 7.08 14.83
N LYS B 228 17.66 7.88 15.29
CA LYS B 228 17.50 8.59 16.55
C LYS B 228 16.23 9.43 16.54
N HIS B 229 16.09 10.29 15.54
CA HIS B 229 15.00 11.26 15.50
C HIS B 229 14.12 11.07 14.26
N ARG B 230 12.81 10.93 14.48
CA ARG B 230 11.86 10.74 13.39
C ARG B 230 11.99 11.89 12.38
N ARG B 231 11.86 11.56 11.10
CA ARG B 231 12.07 12.56 10.06
C ARG B 231 11.46 12.07 8.75
N SER B 232 10.73 12.97 8.07
CA SER B 232 10.29 12.78 6.71
C SER B 232 10.81 13.94 5.88
N ALA B 233 10.77 13.77 4.54
CA ALA B 233 11.33 14.75 3.61
C ALA B 233 12.81 14.97 3.86
N LEU B 234 13.51 13.89 4.18
CA LEU B 234 14.93 13.94 4.50
C LEU B 234 15.77 13.72 3.26
N GLY B 235 16.99 14.26 3.29
CA GLY B 235 17.98 13.92 2.31
C GLY B 235 18.76 12.69 2.74
N ILE B 236 19.24 11.93 1.77
CA ILE B 236 19.93 10.69 2.09
C ILE B 236 20.93 10.38 0.99
N THR B 237 22.08 9.84 1.39
CA THR B 237 23.14 9.45 0.48
C THR B 237 24.06 8.47 1.20
N VAL B 238 24.92 7.81 0.43
CA VAL B 238 25.90 6.89 0.98
C VAL B 238 27.31 7.41 0.69
N HIS B 239 28.10 7.54 1.75
CA HIS B 239 29.49 7.97 1.72
C HIS B 239 30.34 6.83 2.24
N GLN B 240 31.39 6.48 1.49
CA GLN B 240 32.40 5.53 1.97
C GLN B 240 31.79 4.26 2.56
N GLY B 241 30.71 3.75 1.98
CA GLY B 241 30.04 2.57 2.49
C GLY B 241 29.22 2.77 3.76
N ARG B 242 28.79 4.00 4.07
CA ARG B 242 27.89 4.25 5.19
C ARG B 242 26.89 5.33 4.79
N ILE B 243 25.68 5.26 5.37
CA ILE B 243 24.55 6.10 4.94
C ILE B 243 24.46 7.33 5.84
N TYR B 244 24.17 8.48 5.22
CA TYR B 244 23.92 9.73 5.91
C TYR B 244 22.53 10.24 5.57
N VAL B 245 21.77 10.63 6.59
CA VAL B 245 20.49 11.29 6.40
C VAL B 245 20.57 12.71 6.97
N LEU B 246 20.09 13.70 6.21
CA LEU B 246 20.30 15.11 6.48
C LEU B 246 18.97 15.84 6.55
N GLY B 247 18.73 16.53 7.66
CA GLY B 247 17.58 17.40 7.78
C GLY B 247 16.25 16.65 7.81
N GLY B 248 15.20 17.35 7.41
CA GLY B 248 13.85 16.81 7.34
C GLY B 248 12.89 17.55 8.26
N TYR B 249 11.73 16.97 8.42
CA TYR B 249 10.66 17.54 9.23
C TYR B 249 10.13 16.45 10.14
N ASP B 250 9.84 16.80 11.39
CA ASP B 250 9.40 15.85 12.39
C ASP B 250 8.02 16.18 12.93
N GLY B 251 7.27 17.02 12.21
CA GLY B 251 5.94 17.40 12.62
C GLY B 251 5.86 18.72 13.36
N HIS B 252 6.99 19.24 13.83
CA HIS B 252 6.96 20.52 14.54
C HIS B 252 8.09 21.42 14.07
N THR B 253 9.28 20.86 13.83
CA THR B 253 10.46 21.65 13.55
C THR B 253 11.21 21.13 12.33
N PHE B 254 11.89 22.04 11.65
CA PHE B 254 12.76 21.67 10.54
C PHE B 254 14.14 21.32 11.07
N LEU B 255 14.56 20.09 10.84
CA LEU B 255 15.75 19.53 11.48
C LEU B 255 17.02 19.97 10.78
N ASP B 256 18.06 20.25 11.58
CA ASP B 256 19.42 20.33 11.06
C ASP B 256 20.23 19.06 11.31
N SER B 257 19.72 18.16 12.16
CA SER B 257 20.43 16.93 12.50
C SER B 257 20.85 16.14 11.28
N VAL B 258 22.10 15.66 11.29
CA VAL B 258 22.59 14.74 10.27
C VAL B 258 23.04 13.48 10.99
N GLU B 259 22.38 12.35 10.69
CA GLU B 259 22.68 11.06 11.29
C GLU B 259 23.46 10.20 10.28
N CYS B 260 24.32 9.32 10.81
CA CYS B 260 25.09 8.41 9.98
C CYS B 260 24.94 6.99 10.51
N TYR B 261 24.70 6.06 9.60
CA TYR B 261 24.47 4.66 9.92
C TYR B 261 25.73 3.85 9.62
N ASP B 262 26.22 3.12 10.63
CA ASP B 262 27.30 2.17 10.40
C ASP B 262 26.69 0.79 10.18
N PRO B 263 26.85 0.18 9.00
CA PRO B 263 26.20 -1.12 8.75
C PRO B 263 26.78 -2.29 9.53
N ASP B 264 28.04 -2.22 9.98
CA ASP B 264 28.66 -3.32 10.71
C ASP B 264 28.20 -3.35 12.16
N THR B 265 28.13 -2.19 12.76
CA THR B 265 27.64 -2.11 14.11
C THR B 265 26.12 -2.09 14.18
N ASP B 266 25.46 -1.70 13.09
CA ASP B 266 24.02 -1.48 13.07
C ASP B 266 23.63 -0.47 14.15
N THR B 267 24.16 0.75 14.02
CA THR B 267 23.92 1.81 14.98
C THR B 267 23.88 3.17 14.31
N TRP B 268 22.93 3.99 14.76
CA TRP B 268 22.76 5.38 14.37
C TRP B 268 23.18 6.28 15.53
N SER B 269 23.82 7.40 15.19
CA SER B 269 23.81 8.54 16.09
C SER B 269 24.32 9.77 15.38
N GLU B 270 24.18 10.91 16.06
CA GLU B 270 24.21 12.23 15.45
C GLU B 270 25.63 12.64 15.09
N VAL B 271 25.86 12.94 13.81
CA VAL B 271 27.18 13.24 13.30
C VAL B 271 27.35 14.74 13.11
N THR B 272 26.27 15.45 12.82
CA THR B 272 26.40 16.79 12.27
C THR B 272 25.14 17.59 12.55
N ARG B 273 25.30 18.92 12.65
CA ARG B 273 24.22 19.87 12.38
C ARG B 273 24.47 20.47 11.01
N MET B 274 23.42 20.56 10.21
CA MET B 274 23.46 21.49 9.09
C MET B 274 23.53 22.92 9.62
N THR B 275 24.06 23.82 8.78
CA THR B 275 24.13 25.21 9.18
C THR B 275 22.76 25.80 9.49
N SER B 276 21.69 25.21 8.94
CA SER B 276 20.32 25.65 9.19
C SER B 276 19.38 24.46 8.97
N GLY B 277 18.39 24.34 9.85
CA GLY B 277 17.39 23.30 9.69
C GLY B 277 16.58 23.50 8.42
N ARG B 278 16.19 22.38 7.81
CA ARG B 278 15.50 22.41 6.53
C ARG B 278 15.02 21.00 6.18
N SER B 279 14.03 20.94 5.28
CA SER B 279 13.48 19.71 4.76
C SER B 279 13.47 19.77 3.23
N GLY B 280 13.32 18.60 2.62
CA GLY B 280 13.09 18.51 1.19
C GLY B 280 14.27 18.83 0.32
N VAL B 281 15.47 18.43 0.73
CA VAL B 281 16.68 18.75 -0.03
C VAL B 281 16.95 17.65 -1.05
N GLY B 282 17.81 17.98 -2.01
CA GLY B 282 18.39 16.98 -2.88
C GLY B 282 19.84 16.73 -2.50
N VAL B 283 20.19 15.49 -2.23
CA VAL B 283 21.50 15.11 -1.71
C VAL B 283 22.17 14.16 -2.69
N ALA B 284 23.50 14.28 -2.83
CA ALA B 284 24.31 13.42 -3.69
C ALA B 284 25.77 13.62 -3.33
N VAL B 285 26.62 12.76 -3.88
CA VAL B 285 28.03 12.69 -3.51
C VAL B 285 28.89 12.80 -4.76
N THR B 286 29.90 13.69 -4.72
CA THR B 286 31.01 13.74 -5.68
C THR B 286 32.11 14.65 -5.16
C ACE C 1 -0.14 24.65 6.66
O ACE C 1 -0.08 24.46 5.42
CH3 ACE C 1 -1.26 25.43 7.28
N ALA C 2 0.78 24.19 7.53
CA ALA C 2 1.96 23.44 7.12
C ALA C 2 1.63 22.01 6.66
N ASP C 3 2.30 21.61 5.59
CA ASP C 3 2.19 20.26 5.11
C ASP C 3 2.68 19.30 6.20
N GLU C 4 1.83 18.33 6.55
CA GLU C 4 2.13 17.42 7.67
C GLU C 4 3.38 16.58 7.42
N GLU C 5 3.76 16.42 6.16
CA GLU C 5 4.90 15.59 5.80
C GLU C 5 6.17 16.39 5.54
N THR C 6 6.06 17.52 4.80
CA THR C 6 7.24 18.29 4.46
C THR C 6 7.45 19.53 5.31
N GLY C 7 6.45 19.95 6.07
CA GLY C 7 6.51 21.24 6.72
C GLY C 7 6.18 22.45 5.85
N GLU C 8 6.10 22.31 4.52
CA GLU C 8 5.93 23.49 3.65
C GLU C 8 4.52 24.07 3.76
N PHE C 9 4.42 25.40 3.62
CA PHE C 9 3.12 26.03 3.67
C PHE C 9 2.20 25.52 2.54
N ALA C 10 1.08 25.24 2.80
CA ALA C 10 -0.05 24.88 1.97
C ALA C 10 -0.29 25.13 0.33
N NH2 C 11 0.32 24.16 -0.46
#